data_2Y8D
#
_entry.id   2Y8D
#
_cell.length_a   85.859
_cell.length_b   56.229
_cell.length_c   75.849
_cell.angle_alpha   90.00
_cell.angle_beta   123.09
_cell.angle_gamma   90.00
#
_symmetry.space_group_name_H-M   'C 1 2 1'
#
loop_
_entity.id
_entity.type
_entity.pdbx_description
1 polymer 'ERYTHROCYTE MEMBRANE PROTEIN 1'
2 non-polymer 2-AMINO-ETHANETHIOL
3 non-polymer BENZAMIDINE
4 water water
#
_entity_poly.entity_id   1
_entity_poly.type   'polypeptide(L)'
_entity_poly.pdbx_seq_one_letter_code
;GNDYICNKYKNIHDRMKKNNGNFVTDNFVKKSWEISNGVLIPPRRKNLFLYIDPSKICEYKKDPKLFKDFIYWSAFTEVE
RLKKAYGGARAKVVHAMKYSFTDIGSIIKGDDMMEKNSSDKIGKILGDTDGQNEKRKKWWDMNKYHIWESMLCGYREAEG
DTETNENCRFPDIESVPQFLRWFQEWSENFCDRRQKLYDKLNSECISAECTNGSVDNSKCTHACVNYKNYILTKKTEYEI
QTNKYDNEFKNKNSNDKDAPDYLKEKCNDNKCECLNKHIDDKNKTWKNPYETLEDTFKSKCDCPKP
;
_entity_poly.pdbx_strand_id   A
#
# COMPACT_ATOMS: atom_id res chain seq x y z
N ASN A 2 22.05 -4.25 22.74
CA ASN A 2 21.64 -5.42 21.96
C ASN A 2 21.39 -5.08 20.48
N ASP A 3 20.20 -4.53 20.12
CA ASP A 3 19.90 -4.12 18.75
C ASP A 3 20.32 -2.66 18.61
N TYR A 4 21.58 -2.45 18.30
CA TYR A 4 22.19 -1.12 18.21
C TYR A 4 21.87 -0.34 16.92
N ILE A 5 21.30 -1.02 15.89
CA ILE A 5 20.84 -0.34 14.67
C ILE A 5 19.46 0.20 15.04
N CYS A 6 18.60 -0.66 15.59
CA CYS A 6 17.25 -0.30 15.96
C CYS A 6 17.04 0.49 17.23
N ASN A 7 18.06 0.57 18.12
CA ASN A 7 17.89 1.34 19.34
C ASN A 7 17.54 2.78 19.12
N LYS A 8 18.17 3.42 18.14
CA LYS A 8 17.86 4.78 17.73
C LYS A 8 16.34 4.89 17.39
N TYR A 9 15.82 3.97 16.56
CA TYR A 9 14.40 4.00 16.16
C TYR A 9 13.40 3.56 17.21
N LYS A 10 13.71 2.54 18.00
CA LYS A 10 12.86 2.07 19.09
C LYS A 10 12.71 3.16 20.15
N ASN A 11 13.83 3.87 20.48
CA ASN A 11 13.85 5.00 21.42
C ASN A 11 13.05 6.21 20.96
N ILE A 12 13.15 6.56 19.66
CA ILE A 12 12.39 7.67 19.04
C ILE A 12 10.90 7.29 19.09
N HIS A 13 10.58 6.00 18.82
CA HIS A 13 9.24 5.46 18.78
C HIS A 13 8.52 5.55 20.13
N ASP A 14 9.19 5.13 21.22
CA ASP A 14 8.63 5.13 22.57
C ASP A 14 8.43 6.53 23.13
N ARG A 15 9.37 7.45 22.87
CA ARG A 15 9.32 8.85 23.28
C ARG A 15 8.17 9.62 22.59
N MET A 16 7.92 9.32 21.29
CA MET A 16 6.88 9.96 20.50
C MET A 16 5.49 9.37 20.75
N LYS A 17 5.43 8.05 21.08
CA LYS A 17 4.20 7.30 21.37
C LYS A 17 3.42 7.90 22.53
N LYS A 18 4.12 8.41 23.56
CA LYS A 18 3.53 9.04 24.75
C LYS A 18 2.82 10.36 24.44
N ASN A 19 3.48 11.26 23.66
CA ASN A 19 2.92 12.57 23.30
C ASN A 19 1.71 12.42 22.35
N ASN A 20 1.97 11.99 21.11
CA ASN A 20 0.99 11.83 20.01
C ASN A 20 0.07 10.62 20.14
N GLY A 21 -0.95 10.56 19.27
CA GLY A 21 -1.96 9.51 19.22
C GLY A 21 -1.52 8.22 18.54
N ASN A 22 -2.48 7.29 18.34
CA ASN A 22 -2.19 6.00 17.73
C ASN A 22 -2.86 5.82 16.36
N PHE A 23 -2.52 4.72 15.67
CA PHE A 23 -3.05 4.39 14.34
C PHE A 23 -4.53 4.07 14.33
N VAL A 24 -5.12 4.21 13.13
CA VAL A 24 -6.52 3.89 12.84
C VAL A 24 -6.59 2.42 12.47
N THR A 25 -7.35 1.66 13.27
CA THR A 25 -7.63 0.25 13.03
C THR A 25 -8.84 0.28 12.08
N ASP A 26 -8.69 -0.31 10.89
CA ASP A 26 -9.72 -0.29 9.85
C ASP A 26 -9.84 -1.62 9.12
N ASN A 27 -8.86 -2.54 9.37
CA ASN A 27 -8.72 -3.83 8.71
C ASN A 27 -9.04 -3.80 7.19
N PHE A 28 -8.22 -3.04 6.46
CA PHE A 28 -8.31 -2.82 5.01
C PHE A 28 -8.15 -4.05 4.13
N VAL A 29 -7.55 -5.15 4.66
CA VAL A 29 -7.19 -6.36 3.92
C VAL A 29 -8.25 -6.93 2.95
N LYS A 30 -9.49 -7.10 3.40
CA LYS A 30 -10.54 -7.63 2.52
C LYS A 30 -11.46 -6.55 1.92
N LYS A 31 -11.10 -5.27 2.08
CA LYS A 31 -11.89 -4.17 1.58
C LYS A 31 -11.74 -3.93 0.08
N SER A 32 -12.78 -3.34 -0.52
CA SER A 32 -12.78 -2.95 -1.91
C SER A 32 -11.98 -1.65 -2.03
N TRP A 33 -11.40 -1.40 -3.22
CA TRP A 33 -10.66 -0.19 -3.56
C TRP A 33 -11.69 0.93 -3.68
N GLU A 34 -11.32 2.14 -3.28
CA GLU A 34 -12.23 3.26 -3.29
C GLU A 34 -11.86 4.17 -4.44
N ILE A 35 -12.88 4.85 -4.99
CA ILE A 35 -12.69 5.87 -6.03
C ILE A 35 -12.84 7.21 -5.30
N SER A 36 -11.78 8.02 -5.28
CA SER A 36 -11.75 9.33 -4.64
C SER A 36 -11.21 10.33 -5.65
N ASN A 37 -12.08 11.26 -6.11
CA ASN A 37 -11.79 12.29 -7.13
C ASN A 37 -11.34 11.62 -8.45
N GLY A 38 -12.04 10.54 -8.82
CA GLY A 38 -11.78 9.74 -10.04
C GLY A 38 -10.59 8.79 -10.02
N VAL A 39 -9.83 8.74 -8.88
CA VAL A 39 -8.62 7.93 -8.69
C VAL A 39 -8.94 6.67 -7.85
N LEU A 40 -8.47 5.46 -8.28
CA LEU A 40 -8.63 4.22 -7.47
C LEU A 40 -7.54 4.30 -6.37
N ILE A 41 -7.95 4.12 -5.12
CA ILE A 41 -7.04 4.21 -3.97
C ILE A 41 -6.84 2.86 -3.33
N PRO A 42 -5.60 2.42 -3.13
CA PRO A 42 -5.38 1.13 -2.45
C PRO A 42 -6.01 1.16 -1.05
N PRO A 43 -6.74 0.10 -0.64
CA PRO A 43 -7.28 0.06 0.73
C PRO A 43 -6.24 0.34 1.82
N ARG A 44 -4.98 -0.09 1.60
CA ARG A 44 -3.85 0.09 2.52
C ARG A 44 -3.56 1.55 2.75
N ARG A 45 -3.63 2.33 1.66
CA ARG A 45 -3.35 3.78 1.65
C ARG A 45 -4.32 4.60 2.53
N LYS A 46 -5.63 4.22 2.53
CA LYS A 46 -6.68 4.93 3.26
C LYS A 46 -6.25 5.40 4.65
N ASN A 47 -5.87 4.47 5.54
CA ASN A 47 -5.42 4.84 6.88
C ASN A 47 -3.91 4.74 7.15
N LEU A 48 -3.08 5.05 6.12
CA LEU A 48 -1.61 5.09 6.28
C LEU A 48 -1.30 6.11 7.41
N PHE A 49 -0.51 5.65 8.41
CA PHE A 49 -0.18 6.43 9.60
C PHE A 49 0.81 7.59 9.41
N LEU A 50 0.28 8.78 9.06
CA LEU A 50 1.09 10.01 8.89
C LEU A 50 0.18 11.21 9.13
N TYR A 51 0.04 11.59 10.40
CA TYR A 51 -0.82 12.70 10.80
C TYR A 51 -0.05 13.82 11.45
N ILE A 52 0.04 14.95 10.74
CA ILE A 52 0.70 16.15 11.24
C ILE A 52 -0.34 16.91 12.08
N ASP A 53 -0.07 17.08 13.40
CA ASP A 53 -0.97 17.84 14.27
C ASP A 53 -0.78 19.30 13.89
N PRO A 54 -1.87 19.99 13.42
CA PRO A 54 -1.70 21.38 12.97
C PRO A 54 -1.15 22.34 14.03
N SER A 55 -1.36 22.02 15.32
CA SER A 55 -0.86 22.80 16.46
C SER A 55 0.63 22.54 16.75
N LYS A 56 1.26 21.61 15.99
CA LYS A 56 2.67 21.26 16.12
C LYS A 56 3.54 21.75 14.95
N ILE A 57 2.92 22.26 13.86
CA ILE A 57 3.61 22.76 12.65
C ILE A 57 4.78 23.70 12.96
N CYS A 58 4.58 24.65 13.91
CA CYS A 58 5.60 25.62 14.29
C CYS A 58 6.82 25.02 14.97
N GLU A 59 6.60 24.03 15.87
CA GLU A 59 7.67 23.31 16.58
C GLU A 59 8.53 22.56 15.56
N TYR A 60 7.89 21.83 14.60
CA TYR A 60 8.58 21.06 13.55
C TYR A 60 9.39 21.98 12.66
N LYS A 61 8.90 23.21 12.43
CA LYS A 61 9.58 24.22 11.61
C LYS A 61 10.86 24.70 12.30
N LYS A 62 10.82 24.88 13.63
CA LYS A 62 11.95 25.33 14.44
C LYS A 62 12.95 24.23 14.80
N ASP A 63 12.44 23.00 15.07
CA ASP A 63 13.30 21.86 15.45
C ASP A 63 13.33 20.76 14.36
N PRO A 64 14.37 20.74 13.49
CA PRO A 64 14.47 19.70 12.45
C PRO A 64 14.65 18.29 13.00
N LYS A 65 15.24 18.15 14.21
CA LYS A 65 15.44 16.87 14.86
C LYS A 65 14.08 16.29 15.28
N LEU A 66 13.15 17.16 15.77
CA LEU A 66 11.80 16.75 16.17
C LEU A 66 11.00 16.30 14.93
N PHE A 67 11.18 16.98 13.78
CA PHE A 67 10.47 16.62 12.55
C PHE A 67 10.98 15.29 12.00
N LYS A 68 12.32 15.10 12.01
CA LYS A 68 13.00 13.87 11.61
C LYS A 68 12.46 12.73 12.46
N ASP A 69 12.41 12.96 13.80
CA ASP A 69 11.89 11.98 14.76
C ASP A 69 10.41 11.64 14.54
N PHE A 70 9.58 12.66 14.23
CA PHE A 70 8.13 12.46 13.98
C PHE A 70 7.91 11.53 12.78
N ILE A 71 8.70 11.73 11.69
CA ILE A 71 8.66 10.91 10.47
C ILE A 71 9.11 9.47 10.75
N TYR A 72 10.26 9.29 11.45
CA TYR A 72 10.77 7.95 11.82
C TYR A 72 9.74 7.22 12.71
N TRP A 73 9.13 7.93 13.68
CA TRP A 73 8.11 7.33 14.56
C TRP A 73 6.87 6.91 13.75
N SER A 74 6.41 7.78 12.85
CA SER A 74 5.26 7.53 11.96
C SER A 74 5.50 6.31 11.06
N ALA A 75 6.72 6.21 10.44
CA ALA A 75 7.09 5.09 9.58
C ALA A 75 7.12 3.78 10.38
N PHE A 76 7.66 3.84 11.60
CA PHE A 76 7.76 2.69 12.50
C PHE A 76 6.36 2.19 12.87
N THR A 77 5.48 3.13 13.27
CA THR A 77 4.09 2.86 13.65
C THR A 77 3.29 2.33 12.44
N GLU A 78 3.54 2.88 11.23
CA GLU A 78 2.93 2.38 9.99
C GLU A 78 3.13 0.86 9.86
N VAL A 79 4.35 0.36 10.17
CA VAL A 79 4.65 -1.08 10.12
C VAL A 79 3.84 -1.87 11.10
N GLU A 80 3.65 -1.31 12.31
CA GLU A 80 2.84 -1.91 13.38
C GLU A 80 1.38 -2.04 12.94
N ARG A 81 0.85 -0.99 12.29
CA ARG A 81 -0.49 -0.99 11.73
C ARG A 81 -0.64 -2.08 10.66
N LEU A 82 0.37 -2.25 9.80
CA LEU A 82 0.36 -3.25 8.75
C LEU A 82 0.44 -4.67 9.35
N LYS A 83 1.23 -4.86 10.43
CA LYS A 83 1.33 -6.16 11.10
C LYS A 83 -0.03 -6.62 11.65
N LYS A 84 -0.78 -5.68 12.26
CA LYS A 84 -2.11 -5.90 12.82
C LYS A 84 -3.10 -6.29 11.71
N ALA A 85 -3.06 -5.55 10.59
CA ALA A 85 -3.93 -5.77 9.44
C ALA A 85 -3.71 -7.12 8.80
N TYR A 86 -2.45 -7.54 8.60
CA TYR A 86 -2.13 -8.82 7.97
C TYR A 86 -2.01 -10.02 8.93
N GLY A 87 -2.41 -9.82 10.18
CA GLY A 87 -2.37 -10.86 11.22
C GLY A 87 -1.03 -11.57 11.39
N GLY A 88 0.06 -10.81 11.26
CA GLY A 88 1.40 -11.33 11.41
C GLY A 88 1.97 -12.11 10.24
N ALA A 89 1.21 -12.25 9.12
CA ALA A 89 1.72 -12.93 7.92
C ALA A 89 2.85 -12.06 7.37
N ARG A 90 4.08 -12.42 7.78
CA ARG A 90 5.36 -11.74 7.51
C ARG A 90 5.58 -11.31 6.07
N ALA A 91 5.45 -12.27 5.13
CA ALA A 91 5.65 -12.08 3.68
C ALA A 91 4.74 -10.97 3.12
N LYS A 92 3.48 -10.91 3.62
CA LYS A 92 2.50 -9.89 3.25
C LYS A 92 2.92 -8.53 3.83
N VAL A 93 3.30 -8.47 5.15
CA VAL A 93 3.75 -7.22 5.81
C VAL A 93 4.95 -6.62 5.10
N VAL A 94 5.96 -7.46 4.77
CA VAL A 94 7.18 -7.08 4.07
C VAL A 94 6.87 -6.39 2.75
N HIS A 95 6.05 -7.04 1.93
CA HIS A 95 5.64 -6.49 0.64
C HIS A 95 4.84 -5.18 0.78
N ALA A 96 3.90 -5.13 1.73
CA ALA A 96 3.08 -3.93 1.98
C ALA A 96 3.90 -2.76 2.57
N MET A 97 4.96 -3.08 3.37
CA MET A 97 5.85 -2.08 3.97
C MET A 97 6.47 -1.23 2.90
N LYS A 98 6.87 -1.87 1.81
CA LYS A 98 7.51 -1.24 0.65
C LYS A 98 6.61 -0.19 0.02
N TYR A 99 5.34 -0.54 -0.20
CA TYR A 99 4.34 0.39 -0.76
C TYR A 99 4.07 1.57 0.20
N SER A 100 3.93 1.27 1.48
CA SER A 100 3.69 2.31 2.51
C SER A 100 4.87 3.25 2.61
N PHE A 101 6.08 2.70 2.56
CA PHE A 101 7.33 3.49 2.60
C PHE A 101 7.35 4.49 1.43
N THR A 102 7.05 3.99 0.20
CA THR A 102 7.04 4.84 -1.00
C THR A 102 5.90 5.91 -0.96
N ASP A 103 4.70 5.52 -0.46
CA ASP A 103 3.57 6.47 -0.26
C ASP A 103 3.98 7.54 0.77
N ILE A 104 4.78 7.13 1.81
CA ILE A 104 5.31 8.13 2.78
C ILE A 104 6.15 9.15 1.99
N GLY A 105 6.97 8.66 1.05
CA GLY A 105 7.80 9.48 0.17
C GLY A 105 6.98 10.45 -0.68
N SER A 106 5.93 9.92 -1.33
CA SER A 106 4.96 10.65 -2.15
C SER A 106 4.27 11.75 -1.32
N ILE A 107 3.84 11.43 -0.06
CA ILE A 107 3.19 12.40 0.85
C ILE A 107 4.18 13.54 1.20
N ILE A 108 5.44 13.19 1.50
CA ILE A 108 6.48 14.17 1.85
C ILE A 108 6.74 15.11 0.68
N LYS A 109 6.97 14.54 -0.52
CA LYS A 109 7.21 15.24 -1.78
C LYS A 109 5.98 15.95 -2.36
N GLY A 110 4.78 15.62 -1.86
CA GLY A 110 3.52 16.20 -2.31
C GLY A 110 3.00 15.63 -3.64
N ASP A 111 3.42 14.40 -4.00
CA ASP A 111 3.01 13.72 -5.21
C ASP A 111 1.95 12.65 -4.92
N ASP A 112 1.44 12.63 -3.68
CA ASP A 112 0.42 11.66 -3.27
C ASP A 112 -0.93 11.97 -3.92
N MET A 113 -1.61 10.95 -4.42
CA MET A 113 -2.88 11.11 -5.14
C MET A 113 -4.16 10.94 -4.29
N MET A 114 -4.03 10.62 -2.98
CA MET A 114 -5.21 10.47 -2.12
C MET A 114 -5.61 11.81 -1.50
N GLU A 115 -4.65 12.53 -0.94
CA GLU A 115 -4.92 13.86 -0.38
C GLU A 115 -3.70 14.75 -0.43
N LYS A 116 -3.94 16.06 -0.28
CA LYS A 116 -2.89 17.07 -0.32
C LYS A 116 -2.68 17.73 1.07
N ASN A 117 -3.60 17.51 2.05
CA ASN A 117 -3.55 18.11 3.40
C ASN A 117 -2.29 17.81 4.21
N SER A 118 -1.88 16.52 4.29
CA SER A 118 -0.65 16.14 4.99
C SER A 118 0.54 16.78 4.28
N SER A 119 0.55 16.67 2.93
CA SER A 119 1.57 17.22 2.06
C SER A 119 1.69 18.71 2.21
N ASP A 120 0.53 19.43 2.34
CA ASP A 120 0.46 20.88 2.48
C ASP A 120 1.22 21.32 3.72
N LYS A 121 0.86 20.75 4.89
CA LYS A 121 1.47 21.01 6.20
C LYS A 121 2.97 20.75 6.18
N ILE A 122 3.41 19.59 5.60
CA ILE A 122 4.85 19.25 5.47
C ILE A 122 5.57 20.37 4.68
N GLY A 123 4.92 20.87 3.63
CA GLY A 123 5.43 21.98 2.81
C GLY A 123 5.70 23.23 3.62
N LYS A 124 4.83 23.50 4.63
CA LYS A 124 4.94 24.64 5.56
C LYS A 124 6.12 24.39 6.52
N ILE A 125 6.16 23.18 7.14
CA ILE A 125 7.22 22.70 8.04
C ILE A 125 8.61 22.84 7.38
N LEU A 126 8.75 22.40 6.12
CA LEU A 126 10.02 22.44 5.40
C LEU A 126 10.29 23.79 4.71
N GLY A 127 9.35 24.69 4.83
CA GLY A 127 9.49 25.99 4.24
C GLY A 127 9.33 26.11 2.74
N ASP A 128 8.68 25.15 2.10
CA ASP A 128 8.44 25.27 0.67
C ASP A 128 7.46 26.41 0.38
N THR A 129 7.61 27.04 -0.77
CA THR A 129 6.80 28.21 -1.08
C THR A 129 6.11 28.19 -2.47
N ASP A 130 5.00 28.89 -2.56
CA ASP A 130 4.14 28.87 -3.72
C ASP A 130 3.76 27.42 -3.91
N GLY A 131 3.94 26.90 -5.09
CA GLY A 131 3.62 25.51 -5.36
C GLY A 131 4.85 24.66 -5.52
N GLN A 132 6.02 25.19 -5.19
CA GLN A 132 7.31 24.52 -5.32
C GLN A 132 7.55 23.39 -4.34
N ASN A 133 8.20 22.33 -4.79
CA ASN A 133 8.47 21.21 -3.89
C ASN A 133 9.92 20.81 -3.66
N GLU A 134 10.84 21.68 -4.00
CA GLU A 134 12.24 21.33 -3.86
C GLU A 134 12.74 21.10 -2.44
N LYS A 135 12.34 21.93 -1.50
CA LYS A 135 12.76 21.73 -0.11
C LYS A 135 12.37 20.35 0.39
N ARG A 136 11.11 19.93 0.13
CA ARG A 136 10.65 18.59 0.52
C ARG A 136 11.30 17.44 -0.23
N LYS A 137 11.76 17.70 -1.48
CA LYS A 137 12.48 16.73 -2.30
C LYS A 137 13.88 16.51 -1.72
N LYS A 138 14.54 17.61 -1.28
CA LYS A 138 15.88 17.58 -0.66
C LYS A 138 15.84 16.74 0.62
N TRP A 139 14.87 17.04 1.53
CA TRP A 139 14.68 16.35 2.81
C TRP A 139 14.46 14.85 2.61
N TRP A 140 13.64 14.45 1.59
CA TRP A 140 13.36 13.04 1.29
C TRP A 140 14.60 12.29 0.87
N ASP A 141 15.38 12.83 -0.08
CA ASP A 141 16.61 12.21 -0.56
C ASP A 141 17.70 12.08 0.52
N MET A 142 17.68 12.97 1.53
CA MET A 142 18.63 12.92 2.63
C MET A 142 18.24 11.89 3.69
N ASN A 143 16.92 11.79 4.00
CA ASN A 143 16.41 10.96 5.08
C ASN A 143 15.77 9.60 4.77
N LYS A 144 15.47 9.33 3.49
CA LYS A 144 14.80 8.10 3.03
C LYS A 144 15.43 6.78 3.44
N TYR A 145 16.79 6.72 3.51
CA TYR A 145 17.48 5.50 3.93
C TYR A 145 17.25 5.26 5.41
N HIS A 146 17.25 6.35 6.24
CA HIS A 146 16.96 6.27 7.69
C HIS A 146 15.48 5.90 7.91
N ILE A 147 14.61 6.40 7.05
CA ILE A 147 13.16 6.15 7.13
C ILE A 147 12.91 4.64 6.89
N TRP A 148 13.60 4.05 5.90
CA TRP A 148 13.49 2.61 5.63
C TRP A 148 14.02 1.81 6.82
N GLU A 149 15.14 2.29 7.44
CA GLU A 149 15.69 1.62 8.63
C GLU A 149 14.67 1.64 9.76
N SER A 150 14.00 2.78 9.97
CA SER A 150 12.95 2.94 10.99
C SER A 150 11.83 1.89 10.78
N MET A 151 11.47 1.68 9.51
CA MET A 151 10.42 0.72 9.11
C MET A 151 10.90 -0.71 9.31
N LEU A 152 12.17 -1.00 8.97
CA LEU A 152 12.76 -2.33 9.17
C LEU A 152 12.77 -2.62 10.68
N CYS A 153 13.02 -1.58 11.49
CA CYS A 153 12.99 -1.71 12.96
C CYS A 153 11.59 -1.94 13.50
N GLY A 154 10.60 -1.26 12.91
CA GLY A 154 9.19 -1.44 13.26
C GLY A 154 8.76 -2.86 12.91
N TYR A 155 9.26 -3.38 11.80
CA TYR A 155 9.01 -4.75 11.38
C TYR A 155 9.59 -5.74 12.35
N ARG A 156 10.82 -5.50 12.78
CA ARG A 156 11.54 -6.34 13.74
C ARG A 156 10.88 -6.35 15.09
N GLU A 157 10.38 -5.22 15.54
CA GLU A 157 9.67 -5.26 16.78
C GLU A 157 8.46 -6.16 16.60
N ALA A 158 7.77 -5.98 15.47
CA ALA A 158 6.50 -6.65 15.14
C ALA A 158 6.54 -8.16 14.98
N GLU A 159 7.58 -8.67 14.34
CA GLU A 159 7.80 -10.11 14.22
C GLU A 159 9.24 -10.38 14.60
N GLY A 160 9.51 -11.05 15.69
CA GLY A 160 10.91 -11.31 15.98
C GLY A 160 11.71 -12.21 15.06
N ASP A 161 11.17 -13.38 14.70
CA ASP A 161 11.94 -14.30 13.89
C ASP A 161 11.17 -15.13 12.86
N THR A 162 9.89 -14.87 12.66
CA THR A 162 9.14 -15.72 11.75
C THR A 162 9.86 -15.73 10.39
N GLU A 163 9.92 -16.88 9.74
CA GLU A 163 10.61 -16.96 8.46
C GLU A 163 9.97 -16.07 7.38
N THR A 164 10.76 -15.25 6.69
CA THR A 164 10.26 -14.45 5.57
C THR A 164 11.18 -14.50 4.35
N ASN A 165 10.61 -14.97 3.25
CA ASN A 165 11.26 -15.15 1.97
C ASN A 165 11.73 -13.89 1.22
N GLU A 166 10.92 -12.84 1.24
CA GLU A 166 11.21 -11.60 0.55
C GLU A 166 12.39 -10.83 1.09
N ASN A 167 13.17 -10.24 0.21
CA ASN A 167 14.29 -9.40 0.62
C ASN A 167 13.84 -8.09 1.26
N CYS A 168 14.66 -7.55 2.17
CA CYS A 168 14.36 -6.32 2.88
C CYS A 168 15.31 -5.16 2.60
N ARG A 169 15.93 -5.16 1.41
CA ARG A 169 16.82 -4.06 1.04
C ARG A 169 16.03 -2.82 0.68
N PHE A 170 16.71 -1.63 0.61
CA PHE A 170 16.06 -0.38 0.23
C PHE A 170 15.23 -0.63 -1.03
N PRO A 171 13.91 -0.31 -1.00
CA PRO A 171 13.04 -0.71 -2.13
C PRO A 171 13.36 -0.02 -3.43
N ASP A 172 13.56 -0.82 -4.50
CA ASP A 172 13.79 -0.32 -5.86
C ASP A 172 12.53 0.45 -6.35
N ILE A 173 11.33 0.10 -5.83
CA ILE A 173 10.10 0.80 -6.18
C ILE A 173 10.02 2.31 -5.76
N GLU A 174 10.96 2.77 -4.88
CA GLU A 174 11.05 4.13 -4.38
C GLU A 174 11.06 5.24 -5.45
N SER A 175 11.67 4.97 -6.61
CA SER A 175 11.78 5.88 -7.77
C SER A 175 10.56 5.82 -8.72
N VAL A 176 9.72 4.77 -8.56
CA VAL A 176 8.57 4.53 -9.42
C VAL A 176 7.39 5.48 -9.12
N PRO A 177 6.78 6.13 -10.14
CA PRO A 177 5.61 7.02 -9.87
C PRO A 177 4.51 6.24 -9.18
N GLN A 178 3.82 6.88 -8.23
CA GLN A 178 2.80 6.25 -7.42
C GLN A 178 1.71 5.50 -8.18
N PHE A 179 1.23 6.05 -9.32
CA PHE A 179 0.20 5.35 -10.14
C PHE A 179 0.62 3.93 -10.46
N LEU A 180 1.87 3.79 -10.93
CA LEU A 180 2.46 2.51 -11.35
C LEU A 180 2.62 1.54 -10.17
N ARG A 181 3.07 2.04 -9.01
CA ARG A 181 3.20 1.24 -7.78
C ARG A 181 1.81 0.74 -7.37
N TRP A 182 0.81 1.64 -7.38
CA TRP A 182 -0.59 1.30 -7.03
C TRP A 182 -1.16 0.26 -7.98
N PHE A 183 -0.85 0.37 -9.27
CA PHE A 183 -1.29 -0.58 -10.29
C PHE A 183 -0.67 -1.98 -10.03
N GLN A 184 0.62 -2.03 -9.60
CA GLN A 184 1.29 -3.28 -9.24
C GLN A 184 0.63 -3.90 -8.00
N GLU A 185 0.44 -3.09 -6.96
CA GLU A 185 -0.23 -3.55 -5.73
C GLU A 185 -1.61 -4.09 -6.10
N TRP A 186 -2.37 -3.34 -6.91
CA TRP A 186 -3.71 -3.76 -7.39
C TRP A 186 -3.64 -5.15 -8.02
N SER A 187 -2.70 -5.31 -8.97
CA SER A 187 -2.45 -6.53 -9.75
C SER A 187 -2.11 -7.73 -8.87
N GLU A 188 -1.12 -7.58 -7.95
CA GLU A 188 -0.75 -8.65 -6.99
C GLU A 188 -1.93 -9.02 -6.11
N ASN A 189 -2.65 -8.00 -5.58
CA ASN A 189 -3.82 -8.20 -4.71
C ASN A 189 -4.95 -8.89 -5.43
N PHE A 190 -5.18 -8.52 -6.70
CA PHE A 190 -6.22 -9.16 -7.52
C PHE A 190 -5.99 -10.70 -7.64
N CYS A 191 -4.79 -11.11 -8.11
CA CYS A 191 -4.45 -12.53 -8.28
C CYS A 191 -4.58 -13.36 -7.03
N ASP A 192 -4.15 -12.79 -5.89
CA ASP A 192 -4.28 -13.43 -4.58
C ASP A 192 -5.75 -13.61 -4.13
N ARG A 193 -6.55 -12.51 -4.16
CA ARG A 193 -7.96 -12.57 -3.73
C ARG A 193 -8.84 -13.37 -4.69
N ARG A 194 -8.64 -13.21 -6.01
CA ARG A 194 -9.39 -13.96 -7.05
C ARG A 194 -9.24 -15.49 -6.78
N GLN A 195 -8.01 -15.94 -6.45
CA GLN A 195 -7.70 -17.33 -6.08
C GLN A 195 -8.48 -17.78 -4.86
N LYS A 196 -8.41 -17.01 -3.75
CA LYS A 196 -9.11 -17.28 -2.48
C LYS A 196 -10.63 -17.36 -2.69
N LEU A 197 -11.21 -16.43 -3.46
CA LEU A 197 -12.65 -16.43 -3.77
C LEU A 197 -13.02 -17.62 -4.66
N TYR A 198 -12.13 -17.99 -5.62
CA TYR A 198 -12.34 -19.14 -6.49
C TYR A 198 -12.30 -20.44 -5.67
N ASP A 199 -11.41 -20.54 -4.66
CA ASP A 199 -11.33 -21.71 -3.76
C ASP A 199 -12.61 -21.83 -2.95
N LYS A 200 -13.18 -20.68 -2.51
CA LYS A 200 -14.43 -20.66 -1.75
C LYS A 200 -15.58 -21.16 -2.61
N LEU A 201 -15.58 -20.80 -3.92
CA LEU A 201 -16.57 -21.24 -4.90
C LEU A 201 -16.45 -22.77 -5.08
N ASN A 202 -15.19 -23.29 -5.22
CA ASN A 202 -14.88 -24.72 -5.35
C ASN A 202 -15.36 -25.47 -4.11
N SER A 203 -15.07 -24.92 -2.92
CA SER A 203 -15.42 -25.48 -1.61
C SER A 203 -16.91 -25.63 -1.31
N GLU A 204 -17.76 -24.69 -1.80
CA GLU A 204 -19.20 -24.69 -1.52
C GLU A 204 -20.08 -25.28 -2.61
N CYS A 205 -19.60 -25.31 -3.87
CA CYS A 205 -20.34 -25.86 -5.01
C CYS A 205 -19.94 -27.31 -5.35
N ILE A 206 -19.65 -28.13 -4.31
CA ILE A 206 -19.26 -29.55 -4.47
C ILE A 206 -20.45 -30.44 -4.87
N SER A 207 -21.46 -30.55 -3.97
CA SER A 207 -22.67 -31.35 -4.16
C SER A 207 -23.78 -30.53 -4.84
N ALA A 208 -23.52 -29.23 -5.11
CA ALA A 208 -24.46 -28.32 -5.75
C ALA A 208 -24.63 -28.63 -7.25
N GLU A 209 -25.86 -28.49 -7.75
CA GLU A 209 -26.23 -28.76 -9.15
C GLU A 209 -27.26 -27.74 -9.65
N CYS A 210 -27.23 -27.46 -10.96
CA CYS A 210 -28.15 -26.55 -11.63
C CYS A 210 -29.46 -27.29 -11.95
N THR A 211 -30.56 -26.88 -11.28
CA THR A 211 -31.90 -27.47 -11.43
C THR A 211 -32.96 -26.39 -11.53
N ASN A 212 -33.78 -26.43 -12.61
CA ASN A 212 -34.86 -25.47 -12.94
C ASN A 212 -34.40 -24.01 -12.79
N GLY A 213 -33.42 -23.64 -13.60
CA GLY A 213 -32.79 -22.33 -13.57
C GLY A 213 -31.57 -22.37 -12.66
N SER A 214 -31.58 -21.50 -11.63
CA SER A 214 -30.51 -21.33 -10.63
C SER A 214 -30.04 -22.58 -9.88
N VAL A 215 -28.85 -22.49 -9.24
CA VAL A 215 -28.18 -23.53 -8.43
C VAL A 215 -29.02 -23.80 -7.16
N ASP A 216 -29.03 -25.06 -6.68
CA ASP A 216 -29.80 -25.48 -5.50
C ASP A 216 -29.21 -25.00 -4.16
N ASN A 217 -27.89 -25.16 -3.95
CA ASN A 217 -27.24 -24.75 -2.69
C ASN A 217 -27.08 -23.24 -2.59
N SER A 218 -27.56 -22.64 -1.48
CA SER A 218 -27.51 -21.19 -1.23
C SER A 218 -26.09 -20.70 -0.87
N LYS A 219 -25.31 -21.52 -0.11
CA LYS A 219 -23.92 -21.22 0.27
C LYS A 219 -23.03 -21.16 -0.98
N CYS A 220 -23.35 -22.00 -1.98
CA CYS A 220 -22.70 -22.06 -3.29
C CYS A 220 -23.08 -20.83 -4.12
N THR A 221 -24.39 -20.45 -4.13
CA THR A 221 -24.91 -19.27 -4.85
C THR A 221 -24.24 -18.00 -4.30
N HIS A 222 -24.11 -17.90 -2.97
CA HIS A 222 -23.46 -16.77 -2.27
C HIS A 222 -21.98 -16.65 -2.71
N ALA A 223 -21.26 -17.77 -2.83
CA ALA A 223 -19.86 -17.80 -3.28
C ALA A 223 -19.78 -17.47 -4.77
N CYS A 224 -20.83 -17.82 -5.56
CA CYS A 224 -20.93 -17.52 -7.00
C CYS A 224 -21.09 -16.01 -7.23
N VAL A 225 -22.02 -15.37 -6.48
CA VAL A 225 -22.28 -13.92 -6.59
C VAL A 225 -21.09 -13.09 -6.08
N ASN A 226 -20.46 -13.53 -4.98
CA ASN A 226 -19.26 -12.88 -4.45
C ASN A 226 -18.19 -12.87 -5.50
N TYR A 227 -17.95 -14.05 -6.12
CA TYR A 227 -16.95 -14.21 -7.18
C TYR A 227 -17.26 -13.35 -8.40
N LYS A 228 -18.49 -13.44 -8.96
CA LYS A 228 -18.93 -12.68 -10.14
C LYS A 228 -18.86 -11.17 -9.92
N ASN A 229 -19.35 -10.66 -8.77
CA ASN A 229 -19.31 -9.24 -8.43
C ASN A 229 -17.87 -8.72 -8.34
N TYR A 230 -16.99 -9.51 -7.73
CA TYR A 230 -15.55 -9.21 -7.62
C TYR A 230 -14.92 -9.09 -9.03
N ILE A 231 -15.15 -10.11 -9.89
CA ILE A 231 -14.63 -10.11 -11.25
C ILE A 231 -15.14 -8.95 -12.08
N LEU A 232 -16.46 -8.67 -12.04
CA LEU A 232 -17.05 -7.51 -12.76
C LEU A 232 -16.39 -6.21 -12.31
N THR A 233 -16.28 -6.01 -10.98
CA THR A 233 -15.64 -4.81 -10.40
C THR A 233 -14.18 -4.70 -10.83
N LYS A 234 -13.44 -5.78 -10.67
CA LYS A 234 -12.00 -5.85 -11.02
C LYS A 234 -11.70 -5.67 -12.49
N LYS A 235 -12.56 -6.26 -13.36
CA LYS A 235 -12.43 -6.07 -14.82
C LYS A 235 -12.51 -4.56 -15.12
N THR A 236 -13.43 -3.82 -14.43
CA THR A 236 -13.59 -2.38 -14.68
C THR A 236 -12.41 -1.58 -14.12
N GLU A 237 -11.99 -1.91 -12.90
CA GLU A 237 -10.83 -1.29 -12.27
C GLU A 237 -9.58 -1.48 -13.15
N TYR A 238 -9.45 -2.68 -13.78
CA TYR A 238 -8.31 -2.98 -14.68
C TYR A 238 -8.35 -2.12 -15.94
N GLU A 239 -9.52 -1.94 -16.57
CA GLU A 239 -9.66 -1.10 -17.76
C GLU A 239 -9.36 0.38 -17.48
N ILE A 240 -9.88 0.92 -16.36
CA ILE A 240 -9.60 2.30 -15.94
C ILE A 240 -8.07 2.47 -15.78
N GLN A 241 -7.41 1.52 -15.10
CA GLN A 241 -5.94 1.61 -14.86
C GLN A 241 -5.14 1.40 -16.14
N THR A 242 -5.55 0.45 -16.98
CA THR A 242 -4.88 0.20 -18.28
C THR A 242 -5.02 1.43 -19.18
N ASN A 243 -6.23 2.07 -19.19
CA ASN A 243 -6.47 3.27 -19.99
C ASN A 243 -5.54 4.39 -19.55
N LYS A 244 -5.46 4.65 -18.21
CA LYS A 244 -4.54 5.67 -17.70
C LYS A 244 -3.07 5.29 -18.04
N TYR A 245 -2.71 4.00 -17.90
CA TYR A 245 -1.36 3.51 -18.23
C TYR A 245 -1.03 3.87 -19.69
N ASP A 246 -1.89 3.43 -20.63
CA ASP A 246 -1.72 3.65 -22.08
C ASP A 246 -1.69 5.12 -22.47
N ASN A 247 -2.49 5.96 -21.78
CA ASN A 247 -2.61 7.39 -22.05
C ASN A 247 -1.54 8.29 -21.45
N GLU A 248 -1.04 7.95 -20.26
CA GLU A 248 -0.12 8.84 -19.53
C GLU A 248 1.29 8.33 -19.29
N PHE A 249 1.48 7.02 -19.33
CA PHE A 249 2.75 6.40 -19.01
C PHE A 249 3.45 5.68 -20.18
N LYS A 250 2.70 4.86 -20.95
CA LYS A 250 3.20 4.11 -22.10
C LYS A 250 3.80 5.04 -23.17
N ASN A 251 4.95 4.65 -23.76
CA ASN A 251 5.72 5.36 -24.80
C ASN A 251 6.32 6.69 -24.29
N LYS A 252 6.35 6.87 -22.96
CA LYS A 252 6.90 8.03 -22.29
C LYS A 252 7.96 7.56 -21.29
N ASN A 253 8.99 8.42 -21.05
CA ASN A 253 10.13 8.16 -20.14
C ASN A 253 10.86 6.84 -20.44
N SER A 254 10.99 6.53 -21.76
CA SER A 254 11.60 5.32 -22.33
C SER A 254 10.87 4.01 -21.97
N ASN A 255 9.53 4.09 -21.81
CA ASN A 255 8.71 2.92 -21.48
C ASN A 255 7.77 2.52 -22.64
N ASP A 256 8.28 1.69 -23.58
CA ASP A 256 7.52 1.18 -24.74
C ASP A 256 6.61 -0.01 -24.39
N LYS A 257 6.73 -0.53 -23.18
CA LYS A 257 5.99 -1.70 -22.68
C LYS A 257 4.51 -1.43 -22.54
N ASP A 258 3.69 -2.46 -22.82
CA ASP A 258 2.26 -2.32 -22.58
C ASP A 258 2.02 -2.76 -21.12
N ALA A 259 0.80 -2.51 -20.58
CA ALA A 259 0.47 -2.81 -19.19
C ALA A 259 0.87 -4.20 -18.70
N PRO A 260 0.47 -5.34 -19.36
CA PRO A 260 0.84 -6.66 -18.83
C PRO A 260 2.35 -6.92 -18.81
N ASP A 261 3.10 -6.34 -19.76
CA ASP A 261 4.56 -6.50 -19.81
C ASP A 261 5.23 -5.70 -18.69
N TYR A 262 4.68 -4.49 -18.38
CA TYR A 262 5.17 -3.67 -17.28
C TYR A 262 5.03 -4.52 -15.99
N LEU A 263 3.85 -5.13 -15.80
CA LEU A 263 3.56 -5.99 -14.64
C LEU A 263 4.44 -7.25 -14.60
N LYS A 264 4.64 -7.90 -15.75
CA LYS A 264 5.52 -9.07 -15.85
C LYS A 264 6.95 -8.70 -15.33
N GLU A 265 7.44 -7.49 -15.68
CA GLU A 265 8.73 -6.96 -15.26
C GLU A 265 8.78 -6.58 -13.75
N LYS A 266 7.73 -5.92 -13.24
CA LYS A 266 7.70 -5.41 -11.86
C LYS A 266 7.20 -6.35 -10.81
N CYS A 267 6.18 -7.18 -11.12
CA CYS A 267 5.72 -8.19 -10.16
C CYS A 267 6.76 -9.27 -10.08
N ASN A 268 7.21 -9.55 -8.86
CA ASN A 268 8.18 -10.62 -8.63
C ASN A 268 7.45 -11.81 -8.03
N ASP A 269 8.12 -12.99 -8.05
CA ASP A 269 7.63 -14.27 -7.52
C ASP A 269 6.34 -14.75 -8.22
N ASN A 270 6.20 -14.47 -9.53
CA ASN A 270 5.05 -14.85 -10.38
C ASN A 270 3.66 -14.32 -9.87
N LYS A 271 3.65 -13.32 -8.95
CA LYS A 271 2.44 -12.74 -8.32
C LYS A 271 1.33 -12.18 -9.23
N CYS A 272 1.67 -11.77 -10.46
CA CYS A 272 0.70 -11.18 -11.40
C CYS A 272 0.36 -12.03 -12.62
N GLU A 273 0.78 -13.31 -12.61
CA GLU A 273 0.60 -14.29 -13.70
C GLU A 273 -0.87 -14.55 -14.04
N CYS A 274 -1.78 -14.43 -13.06
CA CYS A 274 -3.21 -14.64 -13.31
C CYS A 274 -3.77 -13.63 -14.32
N LEU A 275 -3.05 -12.51 -14.54
CA LEU A 275 -3.42 -11.49 -15.52
C LEU A 275 -2.78 -11.85 -16.86
N ASN A 276 -3.40 -11.44 -17.99
CA ASN A 276 -2.95 -11.80 -19.35
C ASN A 276 -2.75 -13.33 -19.46
N LYS A 277 -3.85 -14.08 -19.32
CA LYS A 277 -3.89 -15.54 -19.34
C LYS A 277 -5.22 -16.06 -19.89
N SER A 299 -16.88 -20.37 -13.33
CA SER A 299 -17.14 -21.06 -14.60
C SER A 299 -18.41 -21.95 -14.58
N LYS A 300 -18.88 -22.32 -13.37
CA LYS A 300 -20.04 -23.19 -13.17
C LYS A 300 -21.11 -22.62 -12.20
N CYS A 301 -21.63 -21.41 -12.53
CA CYS A 301 -22.65 -20.72 -11.73
C CYS A 301 -23.85 -20.28 -12.60
N ASP A 302 -23.59 -19.85 -13.85
CA ASP A 302 -24.58 -19.33 -14.80
C ASP A 302 -25.66 -20.34 -15.26
N CYS A 303 -26.79 -20.37 -14.52
CA CYS A 303 -27.97 -21.19 -14.79
C CYS A 303 -29.17 -20.60 -14.05
#